data_6W2Q
#
_entry.id   6W2Q
#
_cell.length_a   43.934
_cell.length_b   57.578
_cell.length_c   71.729
_cell.angle_alpha   90.000
_cell.angle_beta   90.000
_cell.angle_gamma   90.000
#
_symmetry.space_group_name_H-M   'P 21 21 21'
#
loop_
_entity.id
_entity.type
_entity.pdbx_description
1 polymer 'Junction 34'
2 non-polymer 'CALCIUM ION'
3 water water
#
_entity_poly.entity_id   1
_entity_poly.type   'polypeptide(L)'
_entity_poly.pdbx_seq_one_letter_code
;MSNDEKEKLKELLKRAEELAKSPDPEDLKEAVRLAEEVVRERPGSEAAKKALEIIQEAAELLKKSPDPEAIIAAARALLK
IAATTGDNEAAKQAIEAASKAAQLAEQRGDDELVCEALALLIAAQVLLLKQQGTSDEEVAEHVARTISQLVQRLKRKGAS
YEVIKECVQRIVEEIVEALKRSGTSEDEINEIVRRVKSEVERTLKESGSSGWLEHHHHHH
;
_entity_poly.pdbx_strand_id   A
#
# COMPACT_ATOMS: atom_id res chain seq x y z
N LEU A 9 9.03 18.42 -18.29
CA LEU A 9 9.15 18.13 -16.87
C LEU A 9 8.29 19.06 -16.04
N LYS A 10 8.65 20.35 -16.03
CA LYS A 10 7.84 21.34 -15.33
C LYS A 10 6.42 21.37 -15.89
N GLU A 11 6.25 21.05 -17.17
CA GLU A 11 4.91 20.98 -17.74
C GLU A 11 4.09 19.87 -17.07
N LEU A 12 4.68 18.68 -16.96
CA LEU A 12 4.00 17.60 -16.25
C LEU A 12 3.64 18.00 -14.83
N LEU A 13 4.55 18.72 -14.15
CA LEU A 13 4.30 19.14 -12.79
C LEU A 13 3.13 20.11 -12.70
N LYS A 14 3.06 21.06 -13.64
CA LYS A 14 1.97 22.03 -13.61
C LYS A 14 0.63 21.38 -13.87
N ARG A 15 0.56 20.44 -14.81
CA ARG A 15 -0.71 19.79 -15.11
C ARG A 15 -1.16 18.90 -13.94
N ALA A 16 -0.21 18.25 -13.27
CA ALA A 16 -0.56 17.45 -12.11
C ALA A 16 -1.16 18.32 -11.01
N GLU A 17 -0.57 19.50 -10.78
CA GLU A 17 -1.12 20.41 -9.77
C GLU A 17 -2.54 20.81 -10.11
N GLU A 18 -2.84 21.01 -11.40
CA GLU A 18 -4.19 21.37 -11.80
C GLU A 18 -5.15 20.22 -11.60
N LEU A 19 -4.78 19.02 -12.04
CA LEU A 19 -5.67 17.87 -11.93
C LEU A 19 -5.91 17.47 -10.48
N ALA A 20 -4.94 17.72 -9.59
CA ALA A 20 -5.09 17.44 -8.18
C ALA A 20 -6.18 18.27 -7.51
N LYS A 21 -6.63 19.35 -8.15
CA LYS A 21 -7.72 20.16 -7.63
C LYS A 21 -9.09 19.59 -7.94
N SER A 22 -9.19 18.61 -8.84
CA SER A 22 -10.48 18.06 -9.24
C SER A 22 -10.82 16.84 -8.40
N PRO A 23 -11.97 16.81 -7.71
CA PRO A 23 -12.35 15.59 -6.98
C PRO A 23 -12.69 14.40 -7.86
N ASP A 24 -12.68 14.53 -9.18
CA ASP A 24 -12.97 13.39 -10.06
C ASP A 24 -11.86 12.36 -9.96
N PRO A 25 -12.14 11.10 -9.59
CA PRO A 25 -11.06 10.12 -9.46
C PRO A 25 -10.23 9.93 -10.72
N GLU A 26 -10.81 10.12 -11.90
CA GLU A 26 -10.04 9.99 -13.13
C GLU A 26 -8.99 11.09 -13.24
N ASP A 27 -9.33 12.31 -12.83
CA ASP A 27 -8.37 13.40 -12.83
C ASP A 27 -7.30 13.18 -11.76
N LEU A 28 -7.71 12.72 -10.56
CA LEU A 28 -6.78 12.55 -9.46
C LEU A 28 -5.79 11.42 -9.72
N LYS A 29 -6.25 10.30 -10.27
CA LYS A 29 -5.34 9.22 -10.62
C LYS A 29 -4.31 9.69 -11.64
N GLU A 30 -4.72 10.52 -12.59
CA GLU A 30 -3.79 11.05 -13.57
C GLU A 30 -2.80 12.00 -12.90
N ALA A 31 -3.29 12.83 -11.96
CA ALA A 31 -2.40 13.74 -11.25
C ALA A 31 -1.30 12.96 -10.54
N VAL A 32 -1.67 11.84 -9.89
CA VAL A 32 -0.69 11.00 -9.20
C VAL A 32 0.33 10.44 -10.19
N ARG A 33 -0.14 9.96 -11.34
CA ARG A 33 0.77 9.35 -12.30
C ARG A 33 1.75 10.38 -12.84
N LEU A 34 1.27 11.59 -13.14
CA LEU A 34 2.16 12.64 -13.64
C LEU A 34 3.21 13.00 -12.59
N ALA A 35 2.79 13.17 -11.34
CA ALA A 35 3.73 13.55 -10.29
C ALA A 35 4.71 12.42 -10.00
N GLU A 36 4.22 11.18 -9.93
CA GLU A 36 5.12 10.04 -9.72
C GLU A 36 6.14 9.93 -10.84
N GLU A 37 5.77 10.30 -12.07
CA GLU A 37 6.74 10.34 -13.16
C GLU A 37 7.85 11.33 -12.86
N VAL A 38 7.49 12.53 -12.40
CA VAL A 38 8.49 13.54 -12.06
C VAL A 38 9.45 13.00 -11.02
N VAL A 39 8.92 12.34 -9.99
CA VAL A 39 9.77 11.75 -8.96
C VAL A 39 10.73 10.75 -9.59
N ARG A 40 10.21 9.86 -10.45
CA ARG A 40 11.05 8.84 -11.04
C ARG A 40 12.14 9.44 -11.92
N GLU A 41 11.83 10.56 -12.60
CA GLU A 41 12.78 11.14 -13.55
C GLU A 41 13.81 12.02 -12.85
N ARG A 42 13.41 12.74 -11.80
CA ARG A 42 14.31 13.62 -11.05
C ARG A 42 14.27 13.23 -9.58
N PRO A 43 14.78 12.04 -9.24
CA PRO A 43 14.52 11.46 -7.90
C PRO A 43 14.65 12.44 -6.72
N GLY A 44 15.79 13.10 -6.57
CA GLY A 44 16.03 13.90 -5.38
C GLY A 44 16.03 15.40 -5.62
N SER A 45 15.35 15.85 -6.66
CA SER A 45 15.33 17.26 -7.01
C SER A 45 14.27 18.00 -6.20
N GLU A 46 14.20 19.32 -6.39
CA GLU A 46 13.15 20.11 -5.77
C GLU A 46 11.81 19.86 -6.45
N ALA A 47 11.81 19.55 -7.74
CA ALA A 47 10.56 19.20 -8.42
C ALA A 47 9.98 17.92 -7.84
N ALA A 48 10.84 16.96 -7.47
CA ALA A 48 10.35 15.75 -6.85
C ALA A 48 9.67 16.04 -5.52
N LYS A 49 10.26 16.92 -4.71
CA LYS A 49 9.63 17.32 -3.45
C LYS A 49 8.27 17.96 -3.72
N LYS A 50 8.20 18.85 -4.71
CA LYS A 50 6.92 19.42 -5.10
C LYS A 50 5.95 18.33 -5.54
N ALA A 51 6.44 17.35 -6.32
CA ALA A 51 5.58 16.28 -6.79
C ALA A 51 4.97 15.49 -5.62
N LEU A 52 5.77 15.21 -4.59
CA LEU A 52 5.27 14.47 -3.44
C LEU A 52 4.15 15.22 -2.74
N GLU A 53 4.25 16.56 -2.68
CA GLU A 53 3.18 17.36 -2.10
C GLU A 53 1.90 17.24 -2.93
N ILE A 54 2.04 17.23 -4.26
CA ILE A 54 0.87 17.09 -5.13
C ILE A 54 0.25 15.71 -4.97
N ILE A 55 1.07 14.66 -4.93
CA ILE A 55 0.56 13.31 -4.76
C ILE A 55 -0.25 13.21 -3.47
N GLN A 56 0.29 13.75 -2.38
CA GLN A 56 -0.43 13.71 -1.12
C GLN A 56 -1.75 14.47 -1.20
N GLU A 57 -1.74 15.62 -1.87
CA GLU A 57 -2.96 16.39 -2.04
C GLU A 57 -3.99 15.60 -2.84
N ALA A 58 -3.57 15.04 -3.98
CA ALA A 58 -4.50 14.27 -4.80
C ALA A 58 -4.99 13.04 -4.06
N ALA A 59 -4.12 12.39 -3.28
CA ALA A 59 -4.51 11.17 -2.59
C ALA A 59 -5.54 11.43 -1.51
N GLU A 60 -5.42 12.57 -0.81
CA GLU A 60 -6.38 12.91 0.23
C GLU A 60 -7.78 13.12 -0.35
N LEU A 61 -7.88 13.64 -1.58
CA LEU A 61 -9.19 13.74 -2.23
C LEU A 61 -9.66 12.38 -2.75
N LEU A 62 -8.75 11.58 -3.31
CA LEU A 62 -9.13 10.25 -3.78
C LEU A 62 -9.68 9.42 -2.65
N LYS A 63 -9.08 9.52 -1.46
CA LYS A 63 -9.52 8.71 -0.33
C LYS A 63 -10.96 9.02 0.06
N LYS A 64 -11.44 10.22 -0.25
CA LYS A 64 -12.80 10.59 0.12
C LYS A 64 -13.84 10.10 -0.88
N SER A 65 -13.41 9.51 -1.99
CA SER A 65 -14.34 8.94 -2.96
C SER A 65 -15.07 7.75 -2.35
N PRO A 66 -16.32 7.50 -2.77
CA PRO A 66 -17.01 6.28 -2.34
C PRO A 66 -16.63 5.04 -3.14
N ASP A 67 -15.80 5.18 -4.17
CA ASP A 67 -15.46 4.07 -5.04
C ASP A 67 -14.25 3.32 -4.48
N PRO A 68 -14.38 2.02 -4.18
CA PRO A 68 -13.22 1.30 -3.62
C PRO A 68 -11.99 1.32 -4.50
N GLU A 69 -12.15 1.28 -5.83
CA GLU A 69 -11.00 1.31 -6.71
C GLU A 69 -10.25 2.64 -6.58
N ALA A 70 -10.99 3.73 -6.39
CA ALA A 70 -10.36 5.04 -6.22
C ALA A 70 -9.65 5.13 -4.88
N ILE A 71 -10.28 4.60 -3.83
CA ILE A 71 -9.67 4.64 -2.49
C ILE A 71 -8.39 3.82 -2.48
N ILE A 72 -8.38 2.67 -3.17
CA ILE A 72 -7.18 1.85 -3.27
C ILE A 72 -6.05 2.63 -3.94
N ALA A 73 -6.38 3.43 -4.95
CA ALA A 73 -5.36 4.24 -5.60
C ALA A 73 -4.77 5.26 -4.62
N ALA A 74 -5.61 5.79 -3.74
CA ALA A 74 -5.12 6.71 -2.71
C ALA A 74 -4.20 6.01 -1.73
N ALA A 75 -4.59 4.81 -1.29
CA ALA A 75 -3.77 4.06 -0.35
C ALA A 75 -2.42 3.72 -0.97
N ARG A 76 -2.43 3.30 -2.24
CA ARG A 76 -1.17 2.98 -2.90
C ARG A 76 -0.26 4.20 -2.97
N ALA A 77 -0.82 5.36 -3.29
CA ALA A 77 -0.03 6.58 -3.41
C ALA A 77 0.49 7.02 -2.05
N LEU A 78 -0.35 6.92 -1.01
CA LEU A 78 0.06 7.30 0.33
C LEU A 78 1.13 6.36 0.87
N LEU A 79 1.02 5.07 0.54
CA LEU A 79 2.04 4.12 0.97
C LEU A 79 3.37 4.41 0.30
N LYS A 80 3.35 4.81 -0.97
CA LYS A 80 4.59 5.17 -1.65
C LYS A 80 5.24 6.39 -1.01
N ILE A 81 4.43 7.40 -0.66
CA ILE A 81 4.96 8.57 0.05
C ILE A 81 5.57 8.14 1.38
N ALA A 82 4.85 7.31 2.13
CA ALA A 82 5.34 6.89 3.43
C ALA A 82 6.68 6.19 3.31
N ALA A 83 6.79 5.22 2.40
CA ALA A 83 8.05 4.51 2.23
C ALA A 83 9.14 5.44 1.73
N THR A 84 8.79 6.32 0.79
CA THR A 84 9.78 7.21 0.18
C THR A 84 10.38 8.17 1.20
N THR A 85 9.57 8.66 2.13
CA THR A 85 9.96 9.73 3.03
C THR A 85 10.08 9.30 4.49
N GLY A 86 9.60 8.12 4.85
CA GLY A 86 9.54 7.76 6.25
C GLY A 86 8.53 8.56 7.05
N ASP A 87 7.50 9.09 6.38
CA ASP A 87 6.46 9.86 7.05
C ASP A 87 5.47 8.92 7.73
N ASN A 88 5.42 8.97 9.07
CA ASN A 88 4.50 8.11 9.81
C ASN A 88 3.04 8.47 9.51
N GLU A 89 2.73 9.77 9.41
CA GLU A 89 1.36 10.16 9.13
C GLU A 89 0.91 9.67 7.76
N ALA A 90 1.80 9.72 6.76
CA ALA A 90 1.46 9.16 5.46
C ALA A 90 1.08 7.70 5.58
N ALA A 91 1.84 6.92 6.35
CA ALA A 91 1.53 5.51 6.54
C ALA A 91 0.19 5.32 7.22
N LYS A 92 -0.12 6.17 8.21
CA LYS A 92 -1.39 6.07 8.90
C LYS A 92 -2.54 6.43 7.97
N GLN A 93 -2.32 7.41 7.08
CA GLN A 93 -3.34 7.75 6.08
C GLN A 93 -3.54 6.60 5.10
N ALA A 94 -2.47 5.91 4.72
CA ALA A 94 -2.60 4.76 3.83
C ALA A 94 -3.44 3.66 4.48
N ILE A 95 -3.21 3.42 5.77
CA ILE A 95 -4.00 2.44 6.51
C ILE A 95 -5.46 2.84 6.54
N GLU A 96 -5.72 4.11 6.83
CA GLU A 96 -7.09 4.61 6.86
C GLU A 96 -7.79 4.38 5.53
N ALA A 97 -7.13 4.73 4.42
CA ALA A 97 -7.74 4.55 3.10
C ALA A 97 -7.93 3.08 2.78
N ALA A 98 -6.89 2.26 2.97
CA ALA A 98 -7.01 0.84 2.69
C ALA A 98 -8.12 0.19 3.50
N SER A 99 -8.25 0.58 4.77
CA SER A 99 -9.33 0.02 5.60
C SER A 99 -10.70 0.39 5.02
N LYS A 100 -10.88 1.66 4.64
CA LYS A 100 -12.14 2.08 4.05
C LYS A 100 -12.44 1.26 2.80
N ALA A 101 -11.44 1.08 1.94
CA ALA A 101 -11.65 0.32 0.72
C ALA A 101 -11.99 -1.13 1.02
N ALA A 102 -11.32 -1.73 2.00
CA ALA A 102 -11.57 -3.12 2.33
C ALA A 102 -13.01 -3.34 2.79
N GLN A 103 -13.54 -2.40 3.57
CA GLN A 103 -14.91 -2.58 4.08
C GLN A 103 -15.94 -2.42 2.98
N LEU A 104 -15.74 -1.47 2.05
CA LEU A 104 -16.66 -1.32 0.93
C LEU A 104 -16.60 -2.53 -0.01
N ALA A 105 -15.40 -3.08 -0.22
CA ALA A 105 -15.29 -4.29 -1.03
C ALA A 105 -15.95 -5.48 -0.35
N GLU A 106 -15.73 -5.63 0.96
CA GLU A 106 -16.43 -6.68 1.71
C GLU A 106 -17.94 -6.53 1.57
N GLN A 107 -18.43 -5.30 1.59
CA GLN A 107 -19.86 -5.04 1.51
C GLN A 107 -20.44 -5.67 0.25
N ARG A 108 -19.70 -5.65 -0.86
CA ARG A 108 -20.14 -6.21 -2.12
C ARG A 108 -19.58 -7.60 -2.37
N GLY A 109 -18.99 -8.23 -1.35
CA GLY A 109 -18.52 -9.60 -1.48
C GLY A 109 -17.50 -9.81 -2.58
N ASP A 110 -16.60 -8.86 -2.78
CA ASP A 110 -15.56 -8.94 -3.81
C ASP A 110 -14.25 -9.22 -3.10
N ASP A 111 -13.94 -10.51 -2.90
CA ASP A 111 -12.73 -10.88 -2.18
C ASP A 111 -11.48 -10.41 -2.90
N GLU A 112 -11.48 -10.44 -4.24
CA GLU A 112 -10.32 -9.97 -4.98
C GLU A 112 -10.01 -8.52 -4.62
N LEU A 113 -11.05 -7.68 -4.61
CA LEU A 113 -10.86 -6.28 -4.28
C LEU A 113 -10.52 -6.09 -2.81
N VAL A 114 -11.08 -6.91 -1.93
CA VAL A 114 -10.67 -6.88 -0.53
C VAL A 114 -9.17 -7.09 -0.42
N CYS A 115 -8.65 -8.09 -1.12
CA CYS A 115 -7.24 -8.44 -0.96
C CYS A 115 -6.33 -7.35 -1.49
N GLU A 116 -6.72 -6.67 -2.57
CA GLU A 116 -5.99 -5.51 -3.05
C GLU A 116 -5.80 -4.50 -1.92
N ALA A 117 -6.88 -4.21 -1.19
CA ALA A 117 -6.83 -3.24 -0.12
C ALA A 117 -6.02 -3.76 1.06
N LEU A 118 -6.21 -5.02 1.43
CA LEU A 118 -5.50 -5.58 2.58
C LEU A 118 -4.00 -5.63 2.35
N ALA A 119 -3.56 -5.92 1.11
CA ALA A 119 -2.13 -5.95 0.85
C ALA A 119 -1.50 -4.59 1.14
N LEU A 120 -2.17 -3.50 0.74
CA LEU A 120 -1.65 -2.17 1.03
C LEU A 120 -1.75 -1.87 2.52
N LEU A 121 -2.84 -2.29 3.16
N LEU A 121 -2.84 -2.29 3.17
CA LEU A 121 -3.01 -2.10 4.59
CA LEU A 121 -2.99 -2.07 4.60
C LEU A 121 -1.89 -2.76 5.37
C LEU A 121 -1.86 -2.76 5.36
N ILE A 122 -1.59 -4.02 5.06
CA ILE A 122 -0.59 -4.77 5.82
C ILE A 122 0.80 -4.21 5.56
N ALA A 123 1.08 -3.82 4.32
CA ALA A 123 2.37 -3.21 4.01
C ALA A 123 2.57 -1.91 4.80
N ALA A 124 1.52 -1.09 4.91
CA ALA A 124 1.63 0.13 5.70
C ALA A 124 1.83 -0.20 7.18
N GLN A 125 1.13 -1.21 7.68
CA GLN A 125 1.35 -1.64 9.06
C GLN A 125 2.80 -2.02 9.29
N VAL A 126 3.39 -2.80 8.37
CA VAL A 126 4.79 -3.19 8.49
C VAL A 126 5.67 -1.97 8.52
N LEU A 127 5.43 -1.01 7.62
N LEU A 127 5.42 -1.01 7.63
CA LEU A 127 6.24 0.20 7.60
CA LEU A 127 6.21 0.21 7.58
C LEU A 127 6.19 0.92 8.94
C LEU A 127 6.18 0.94 8.92
N LEU A 128 4.98 1.15 9.47
CA LEU A 128 4.87 1.83 10.75
C LEU A 128 5.54 1.05 11.86
N LEU A 129 5.34 -0.27 11.89
CA LEU A 129 6.01 -1.07 12.91
C LEU A 129 7.52 -0.86 12.87
N LYS A 130 8.09 -0.81 11.67
CA LYS A 130 9.54 -0.59 11.55
C LYS A 130 9.92 0.83 11.95
N GLN A 131 9.15 1.82 11.50
CA GLN A 131 9.45 3.21 11.86
C GLN A 131 9.39 3.42 13.36
N GLN A 132 8.54 2.66 14.07
CA GLN A 132 8.38 2.82 15.51
C GLN A 132 9.36 1.98 16.31
N GLY A 133 10.17 1.16 15.66
CA GLY A 133 11.22 0.42 16.33
C GLY A 133 10.90 -1.02 16.68
N THR A 134 9.81 -1.57 16.17
CA THR A 134 9.47 -2.96 16.44
C THR A 134 10.46 -3.90 15.75
N SER A 135 10.76 -5.00 16.43
CA SER A 135 11.76 -5.96 15.94
C SER A 135 11.27 -6.70 14.69
N ASP A 136 12.22 -7.16 13.88
CA ASP A 136 11.87 -7.95 12.70
C ASP A 136 11.16 -9.23 13.07
N GLU A 137 11.48 -9.81 14.24
CA GLU A 137 10.78 -11.01 14.68
C GLU A 137 9.30 -10.74 14.93
N GLU A 138 8.99 -9.61 15.56
CA GLU A 138 7.59 -9.24 15.81
C GLU A 138 6.88 -8.90 14.51
N VAL A 139 7.56 -8.19 13.60
CA VAL A 139 6.97 -7.87 12.30
C VAL A 139 6.60 -9.16 11.57
N ALA A 140 7.53 -10.12 11.53
CA ALA A 140 7.27 -11.37 10.85
C ALA A 140 6.08 -12.09 11.46
N GLU A 141 5.98 -12.08 12.79
CA GLU A 141 4.86 -12.71 13.47
C GLU A 141 3.54 -12.04 13.11
N HIS A 142 3.51 -10.71 13.07
CA HIS A 142 2.31 -10.00 12.65
C HIS A 142 1.89 -10.43 11.25
N VAL A 143 2.84 -10.42 10.31
CA VAL A 143 2.51 -10.74 8.93
C VAL A 143 2.04 -12.18 8.82
N ALA A 144 2.73 -13.11 9.49
CA ALA A 144 2.40 -14.52 9.39
C ALA A 144 1.00 -14.80 9.94
N ARG A 145 0.69 -14.24 11.11
CA ARG A 145 -0.63 -14.45 11.70
C ARG A 145 -1.72 -13.86 10.82
N THR A 146 -1.48 -12.67 10.25
CA THR A 146 -2.46 -12.05 9.39
C THR A 146 -2.71 -12.90 8.14
N ILE A 147 -1.64 -13.37 7.50
CA ILE A 147 -1.79 -14.19 6.30
C ILE A 147 -2.48 -15.50 6.63
N SER A 148 -2.00 -16.20 7.67
CA SER A 148 -2.59 -17.49 8.04
C SER A 148 -4.08 -17.35 8.32
N GLN A 149 -4.45 -16.31 9.09
CA GLN A 149 -5.85 -16.08 9.40
C GLN A 149 -6.65 -15.77 8.14
N LEU A 150 -6.09 -14.98 7.24
CA LEU A 150 -6.78 -14.62 6.00
C LEU A 150 -6.99 -15.85 5.11
N VAL A 151 -5.94 -16.66 4.93
CA VAL A 151 -6.04 -17.85 4.09
C VAL A 151 -7.12 -18.77 4.61
N GLN A 152 -7.15 -19.00 5.92
CA GLN A 152 -8.13 -19.90 6.50
C GLN A 152 -9.55 -19.35 6.34
N ARG A 153 -9.70 -18.04 6.50
CA ARG A 153 -11.02 -17.43 6.35
C ARG A 153 -11.50 -17.49 4.90
N LEU A 154 -10.63 -17.20 3.94
CA LEU A 154 -11.06 -17.26 2.54
C LEU A 154 -11.37 -18.69 2.13
N LYS A 155 -10.68 -19.67 2.70
CA LYS A 155 -10.98 -21.08 2.42
C LYS A 155 -12.37 -21.43 2.91
N ARG A 156 -12.71 -21.05 4.14
CA ARG A 156 -14.05 -21.28 4.66
C ARG A 156 -15.10 -20.63 3.77
N LYS A 157 -14.81 -19.42 3.29
CA LYS A 157 -15.81 -18.63 2.58
C LYS A 157 -16.11 -19.15 1.18
N GLY A 158 -15.22 -19.96 0.62
CA GLY A 158 -15.39 -20.46 -0.74
C GLY A 158 -14.62 -19.71 -1.80
N ALA A 159 -13.66 -18.86 -1.43
CA ALA A 159 -12.84 -18.19 -2.42
C ALA A 159 -12.04 -19.22 -3.21
N SER A 160 -11.89 -18.97 -4.50
CA SER A 160 -11.19 -19.91 -5.36
C SER A 160 -9.71 -19.98 -5.01
N TYR A 161 -9.06 -21.05 -5.47
CA TYR A 161 -7.63 -21.23 -5.22
C TYR A 161 -6.84 -20.06 -5.79
N GLU A 162 -7.14 -19.65 -7.01
CA GLU A 162 -6.37 -18.58 -7.65
C GLU A 162 -6.56 -17.25 -6.92
N VAL A 163 -7.76 -17.00 -6.41
CA VAL A 163 -8.01 -15.76 -5.66
C VAL A 163 -7.17 -15.74 -4.39
N ILE A 164 -7.14 -16.87 -3.67
CA ILE A 164 -6.36 -16.94 -2.44
C ILE A 164 -4.87 -16.83 -2.73
N LYS A 165 -4.40 -17.54 -3.77
CA LYS A 165 -2.98 -17.47 -4.11
C LYS A 165 -2.60 -16.03 -4.46
N GLU A 166 -3.41 -15.37 -5.29
CA GLU A 166 -3.14 -13.97 -5.63
C GLU A 166 -3.18 -13.09 -4.38
N CYS A 167 -4.12 -13.36 -3.47
N CYS A 167 -4.11 -13.37 -3.46
CA CYS A 167 -4.20 -12.57 -2.23
CA CYS A 167 -4.20 -12.59 -2.24
C CYS A 167 -2.88 -12.61 -1.48
C CYS A 167 -2.90 -12.62 -1.46
N VAL A 168 -2.35 -13.81 -1.23
CA VAL A 168 -1.11 -13.94 -0.47
C VAL A 168 0.07 -13.35 -1.24
N GLN A 169 0.14 -13.61 -2.55
CA GLN A 169 1.25 -13.08 -3.34
C GLN A 169 1.26 -11.56 -3.29
N ARG A 170 0.08 -10.93 -3.42
CA ARG A 170 0.00 -9.47 -3.41
C ARG A 170 0.45 -8.91 -2.06
N ILE A 171 0.02 -9.52 -0.96
CA ILE A 171 0.42 -9.06 0.36
C ILE A 171 1.94 -9.06 0.47
N VAL A 172 2.58 -10.17 0.12
CA VAL A 172 4.02 -10.27 0.27
C VAL A 172 4.71 -9.27 -0.65
N GLU A 173 4.23 -9.16 -1.90
CA GLU A 173 4.86 -8.24 -2.84
C GLU A 173 4.79 -6.80 -2.33
N GLU A 174 3.64 -6.39 -1.78
CA GLU A 174 3.51 -5.02 -1.31
C GLU A 174 4.41 -4.75 -0.11
N ILE A 175 4.54 -5.73 0.79
CA ILE A 175 5.46 -5.58 1.92
C ILE A 175 6.89 -5.40 1.42
N VAL A 176 7.34 -6.29 0.54
CA VAL A 176 8.71 -6.23 0.01
C VAL A 176 8.96 -4.90 -0.68
N GLU A 177 8.01 -4.45 -1.49
CA GLU A 177 8.18 -3.17 -2.18
C GLU A 177 8.27 -2.02 -1.19
N ALA A 178 7.40 -2.00 -0.18
CA ALA A 178 7.42 -0.91 0.78
C ALA A 178 8.73 -0.90 1.57
N LEU A 179 9.21 -2.07 1.98
CA LEU A 179 10.46 -2.12 2.73
C LEU A 179 11.64 -1.70 1.86
N LYS A 180 11.64 -2.10 0.58
CA LYS A 180 12.70 -1.68 -0.32
C LYS A 180 12.70 -0.16 -0.49
N ARG A 181 11.55 0.42 -0.82
CA ARG A 181 11.47 1.87 -1.00
C ARG A 181 11.92 2.61 0.26
N SER A 182 11.72 2.03 1.43
CA SER A 182 12.11 2.66 2.69
C SER A 182 13.56 2.39 3.06
N GLY A 183 14.37 1.89 2.13
CA GLY A 183 15.78 1.70 2.38
C GLY A 183 16.16 0.40 3.07
N THR A 184 15.22 -0.51 3.29
CA THR A 184 15.54 -1.77 3.94
C THR A 184 16.41 -2.62 3.01
N SER A 185 17.52 -3.11 3.53
CA SER A 185 18.42 -3.90 2.71
C SER A 185 17.75 -5.21 2.29
N GLU A 186 18.24 -5.77 1.18
CA GLU A 186 17.71 -7.04 0.70
C GLU A 186 17.99 -8.18 1.67
N ASP A 187 19.08 -8.08 2.44
CA ASP A 187 19.37 -9.11 3.42
C ASP A 187 18.31 -9.13 4.53
N GLU A 188 17.87 -7.95 4.98
CA GLU A 188 16.87 -7.88 6.03
C GLU A 188 15.51 -8.32 5.52
N ILE A 189 15.15 -7.92 4.30
CA ILE A 189 13.86 -8.32 3.73
C ILE A 189 13.79 -9.83 3.59
N ASN A 190 14.84 -10.45 3.04
CA ASN A 190 14.85 -11.90 2.86
C ASN A 190 14.70 -12.61 4.20
N GLU A 191 15.35 -12.10 5.25
CA GLU A 191 15.23 -12.71 6.56
C GLU A 191 13.80 -12.58 7.11
N ILE A 192 13.17 -11.43 6.89
CA ILE A 192 11.79 -11.23 7.32
C ILE A 192 10.87 -12.21 6.60
N VAL A 193 10.99 -12.29 5.27
CA VAL A 193 10.16 -13.20 4.50
C VAL A 193 10.41 -14.64 4.94
N ARG A 194 11.67 -15.00 5.19
CA ARG A 194 11.96 -16.35 5.66
C ARG A 194 11.18 -16.67 6.92
N ARG A 195 11.25 -15.80 7.93
CA ARG A 195 10.51 -16.01 9.16
C ARG A 195 9.02 -16.16 8.88
N VAL A 196 8.46 -15.27 8.07
CA VAL A 196 7.04 -15.33 7.75
C VAL A 196 6.70 -16.70 7.15
N LYS A 197 7.52 -17.14 6.19
CA LYS A 197 7.25 -18.42 5.53
C LYS A 197 7.30 -19.56 6.53
N SER A 198 8.25 -19.52 7.47
CA SER A 198 8.38 -20.60 8.45
C SER A 198 7.15 -20.69 9.35
N GLU A 199 6.62 -19.53 9.77
CA GLU A 199 5.46 -19.53 10.66
C GLU A 199 4.20 -19.92 9.92
N VAL A 200 4.01 -19.40 8.72
CA VAL A 200 2.83 -19.76 7.92
C VAL A 200 2.85 -21.25 7.61
N GLU A 201 4.04 -21.81 7.34
CA GLU A 201 4.15 -23.24 7.08
C GLU A 201 3.65 -24.05 8.28
N ARG A 202 4.04 -23.65 9.49
CA ARG A 202 3.58 -24.36 10.68
C ARG A 202 2.07 -24.23 10.85
N THR A 203 1.55 -23.03 10.70
CA THR A 203 0.15 -22.75 10.97
C THR A 203 -0.77 -23.36 9.92
N LEU A 204 -0.32 -23.39 8.67
CA LEU A 204 -1.11 -23.98 7.59
#